data_3MBD
#
_entry.id   3MBD
#
_cell.length_a   121.960
_cell.length_b   137.610
_cell.length_c   62.230
_cell.angle_alpha   90.00
_cell.angle_beta   90.00
_cell.angle_gamma   90.00
#
_symmetry.space_group_name_H-M   'C 2 2 21'
#
loop_
_entity.id
_entity.type
_entity.pdbx_description
1 polymer 'Fructose-bisphosphate aldolase'
2 non-polymer 'PHOSPHATE ION'
3 non-polymer 'CHLORIDE ION'
4 water water
#
_entity_poly.entity_id   1
_entity_poly.type   'polypeptide(L)'
_entity_poly.pdbx_seq_one_letter_code
;GPGSMMDCDHLLRLGMTAKKILENGKGILAADETPKTLGRRFEKLGITNTEENRRKFREILFSTKGIERYIGGVILNQET
FEQTSGSGVPLTELLKKKGIEIGIKLDKGLIDYKEKEKISVGLEDLDLRCKSSAFKDATFAKWRSLFYFYDGIPSEDCIN
ENCSILAKYAIICQKNGLVPIVEPEVFLEGDYSMKRSYEVTRQILSTLMKYLNYELVYIPGVLIKASYVTSGQLSNEKYT
PKKVATFTLRALLSTIPCGIPGIVFLSGGHGSEDAIGFLNAINMERGCRTWSLSFSFARALTDGVLETWRGDDSNIEEAQ
KILLETSFKACRGAEGKLWDQE
;
_entity_poly.pdbx_strand_id   A
#
loop_
_chem_comp.id
_chem_comp.type
_chem_comp.name
_chem_comp.formula
CL non-polymer 'CHLORIDE ION' 'Cl -1'
PO4 non-polymer 'PHOSPHATE ION' 'O4 P -3'
#
# COMPACT_ATOMS: atom_id res chain seq x y z
N MET A 6 -7.31 3.25 24.41
CA MET A 6 -6.62 1.96 24.18
C MET A 6 -7.05 0.91 25.22
N ASP A 7 -8.36 0.80 25.49
CA ASP A 7 -8.90 -0.30 26.35
C ASP A 7 -9.13 -1.55 25.50
N CYS A 8 -9.50 -2.67 26.13
CA CYS A 8 -9.65 -3.93 25.40
CA CYS A 8 -9.68 -3.95 25.41
C CYS A 8 -10.54 -3.79 24.17
N ASP A 9 -11.72 -3.21 24.32
CA ASP A 9 -12.67 -3.11 23.20
C ASP A 9 -12.10 -2.33 22.02
N HIS A 10 -11.46 -1.21 22.35
CA HIS A 10 -10.81 -0.33 21.39
C HIS A 10 -9.76 -1.09 20.56
N LEU A 11 -8.95 -1.88 21.24
CA LEU A 11 -7.90 -2.67 20.57
C LEU A 11 -8.51 -3.73 19.66
N LEU A 12 -9.54 -4.43 20.15
CA LEU A 12 -10.20 -5.48 19.35
C LEU A 12 -10.77 -4.89 18.08
N ARG A 13 -11.31 -3.67 18.13
CA ARG A 13 -11.84 -3.00 16.93
C ARG A 13 -10.80 -2.80 15.83
N LEU A 14 -9.60 -2.36 16.24
CA LEU A 14 -8.47 -2.23 15.34
C LEU A 14 -8.12 -3.57 14.66
N GLY A 15 -8.02 -4.63 15.44
CA GLY A 15 -7.73 -5.96 14.90
C GLY A 15 -8.80 -6.43 13.92
N MET A 16 -10.06 -6.16 14.24
CA MET A 16 -11.18 -6.54 13.35
CA MET A 16 -11.19 -6.52 13.36
C MET A 16 -11.12 -5.77 12.03
N THR A 17 -10.84 -4.48 12.09
CA THR A 17 -10.67 -3.70 10.89
C THR A 17 -9.55 -4.23 10.02
N ALA A 18 -8.39 -4.52 10.63
CA ALA A 18 -7.25 -5.05 9.90
C ALA A 18 -7.62 -6.35 9.16
N LYS A 19 -8.37 -7.24 9.82
CA LYS A 19 -8.78 -8.50 9.19
C LYS A 19 -9.86 -8.31 8.13
N LYS A 20 -10.76 -7.38 8.36
CA LYS A 20 -11.84 -7.12 7.40
C LYS A 20 -11.29 -6.68 6.05
N ILE A 21 -10.25 -5.86 6.08
CA ILE A 21 -9.66 -5.35 4.85
C ILE A 21 -9.11 -6.48 4.00
N LEU A 22 -8.61 -7.53 4.63
CA LEU A 22 -7.96 -8.62 3.91
C LEU A 22 -8.77 -9.93 3.83
N GLU A 23 -10.02 -9.92 4.27
CA GLU A 23 -10.89 -11.11 4.15
C GLU A 23 -10.94 -11.66 2.76
N ASN A 24 -10.92 -12.99 2.65
CA ASN A 24 -11.37 -13.65 1.44
C ASN A 24 -10.50 -13.30 0.25
N GLY A 25 -9.21 -13.30 0.47
CA GLY A 25 -8.26 -12.92 -0.56
C GLY A 25 -8.31 -11.48 -1.01
N LYS A 26 -9.04 -10.60 -0.32
CA LYS A 26 -9.12 -9.21 -0.77
C LYS A 26 -7.83 -8.44 -0.45
N GLY A 27 -7.65 -7.32 -1.13
CA GLY A 27 -6.52 -6.45 -0.90
C GLY A 27 -6.95 -5.00 -0.99
N ILE A 28 -5.96 -4.15 -1.09
CA ILE A 28 -6.17 -2.71 -1.01
C ILE A 28 -5.89 -2.06 -2.35
N LEU A 29 -6.83 -1.21 -2.75
CA LEU A 29 -6.63 -0.29 -3.86
C LEU A 29 -6.03 0.99 -3.33
N ALA A 30 -4.79 1.29 -3.70
CA ALA A 30 -4.16 2.55 -3.27
C ALA A 30 -4.50 3.64 -4.30
N ALA A 31 -5.19 4.70 -3.87
CA ALA A 31 -5.58 5.79 -4.77
C ALA A 31 -5.18 7.14 -4.20
N ASP A 32 -4.12 7.14 -3.40
CA ASP A 32 -3.81 8.27 -2.53
C ASP A 32 -2.79 9.25 -3.11
N GLU A 33 -2.48 9.12 -4.39
CA GLU A 33 -1.52 10.01 -5.03
C GLU A 33 -1.89 11.50 -4.79
N THR A 34 -0.87 12.27 -4.43
CA THR A 34 -1.00 13.72 -4.35
C THR A 34 -1.29 14.29 -5.75
N PRO A 35 -1.88 15.49 -5.82
CA PRO A 35 -2.05 16.15 -7.12
C PRO A 35 -0.79 16.15 -7.97
N LYS A 36 0.35 16.39 -7.35
CA LYS A 36 1.63 16.38 -8.06
C LYS A 36 2.03 15.01 -8.60
N THR A 37 1.92 13.97 -7.79
CA THR A 37 2.24 12.63 -8.24
C THR A 37 1.26 12.15 -9.34
N LEU A 38 -0.03 12.34 -9.13
CA LEU A 38 -1.03 11.95 -10.16
C LEU A 38 -0.86 12.73 -11.47
N GLY A 39 -0.63 14.04 -11.34
CA GLY A 39 -0.38 14.94 -12.48
C GLY A 39 0.74 14.49 -13.40
N ARG A 40 1.84 13.99 -12.84
CA ARG A 40 2.96 13.44 -13.64
C ARG A 40 2.52 12.21 -14.46
N ARG A 41 1.73 11.37 -13.80
CA ARG A 41 1.16 10.21 -14.45
C ARG A 41 0.23 10.63 -15.61
N PHE A 42 -0.67 11.57 -15.31
CA PHE A 42 -1.56 12.17 -16.32
C PHE A 42 -0.77 12.71 -17.52
N GLU A 43 0.30 13.46 -17.25
CA GLU A 43 0.98 14.17 -18.32
C GLU A 43 1.71 13.25 -19.29
N LYS A 44 2.19 12.11 -18.80
CA LYS A 44 2.81 11.08 -19.64
C LYS A 44 1.82 10.56 -20.68
N LEU A 45 0.54 10.48 -20.31
CA LEU A 45 -0.52 9.91 -21.16
C LEU A 45 -1.39 10.98 -21.81
N GLY A 46 -0.97 12.24 -21.74
CA GLY A 46 -1.69 13.33 -22.42
C GLY A 46 -2.96 13.87 -21.75
N ILE A 47 -3.17 13.53 -20.48
CA ILE A 47 -4.35 13.99 -19.72
C ILE A 47 -3.99 15.27 -18.93
N THR A 48 -4.82 16.31 -19.02
CA THR A 48 -4.57 17.56 -18.26
C THR A 48 -4.73 17.32 -16.78
N ASN A 49 -3.79 17.86 -15.98
CA ASN A 49 -3.87 17.76 -14.53
C ASN A 49 -4.80 18.80 -13.92
N THR A 50 -6.08 18.69 -14.23
CA THR A 50 -7.08 19.51 -13.56
C THR A 50 -7.59 18.78 -12.34
N GLU A 51 -8.10 19.51 -11.35
CA GLU A 51 -8.79 18.91 -10.24
C GLU A 51 -9.94 18.03 -10.75
N GLU A 52 -10.66 18.53 -11.78
CA GLU A 52 -11.77 17.80 -12.37
C GLU A 52 -11.33 16.43 -12.87
N ASN A 53 -10.20 16.36 -13.56
CA ASN A 53 -9.71 15.05 -14.03
C ASN A 53 -9.25 14.10 -12.92
N ARG A 54 -8.67 14.67 -11.86
CA ARG A 54 -8.35 13.91 -10.65
C ARG A 54 -9.63 13.39 -9.95
N ARG A 55 -10.63 14.24 -9.84
CA ARG A 55 -11.89 13.83 -9.27
C ARG A 55 -12.54 12.70 -10.12
N LYS A 56 -12.59 12.91 -11.42
CA LYS A 56 -13.21 11.94 -12.31
C LYS A 56 -12.48 10.61 -12.28
N PHE A 57 -11.14 10.67 -12.24
CA PHE A 57 -10.34 9.46 -12.15
C PHE A 57 -10.75 8.66 -10.91
N ARG A 58 -10.82 9.31 -9.76
CA ARG A 58 -11.23 8.63 -8.54
C ARG A 58 -12.68 8.13 -8.63
N GLU A 59 -13.58 8.93 -9.24
CA GLU A 59 -14.95 8.42 -9.46
C GLU A 59 -14.94 7.13 -10.32
N ILE A 60 -14.15 7.13 -11.38
CA ILE A 60 -14.08 5.99 -12.28
C ILE A 60 -13.67 4.73 -11.50
N LEU A 61 -12.67 4.89 -10.63
CA LEU A 61 -12.22 3.79 -9.81
C LEU A 61 -13.31 3.35 -8.84
N PHE A 62 -13.82 4.29 -8.05
CA PHE A 62 -14.67 3.90 -6.93
C PHE A 62 -16.04 3.40 -7.38
N SER A 63 -16.47 3.77 -8.58
CA SER A 63 -17.83 3.41 -9.05
C SER A 63 -17.81 2.14 -9.91
N THR A 64 -16.66 1.47 -9.96
CA THR A 64 -16.56 0.26 -10.74
C THR A 64 -17.41 -0.83 -10.10
N LYS A 65 -18.33 -1.36 -10.92
CA LYS A 65 -19.30 -2.32 -10.45
C LYS A 65 -18.55 -3.63 -10.11
N GLY A 66 -18.83 -4.16 -8.91
CA GLY A 66 -18.31 -5.44 -8.47
C GLY A 66 -16.91 -5.40 -7.84
N ILE A 67 -16.30 -4.22 -7.76
CA ILE A 67 -14.93 -4.10 -7.29
C ILE A 67 -14.80 -4.57 -5.82
N GLU A 68 -15.87 -4.44 -5.03
CA GLU A 68 -15.86 -4.88 -3.63
C GLU A 68 -15.67 -6.39 -3.41
N ARG A 69 -15.82 -7.22 -4.44
CA ARG A 69 -15.49 -8.65 -4.29
CA ARG A 69 -15.50 -8.64 -4.35
C ARG A 69 -14.00 -8.86 -4.08
N TYR A 70 -13.17 -7.95 -4.60
CA TYR A 70 -11.71 -8.07 -4.61
C TYR A 70 -10.96 -7.04 -3.77
N ILE A 71 -11.59 -5.92 -3.51
CA ILE A 71 -10.97 -4.79 -2.85
C ILE A 71 -11.63 -4.59 -1.48
N GLY A 72 -10.86 -4.76 -0.42
CA GLY A 72 -11.38 -4.65 0.95
C GLY A 72 -11.22 -3.26 1.55
N GLY A 73 -10.31 -2.49 0.98
CA GLY A 73 -10.10 -1.10 1.39
C GLY A 73 -9.49 -0.28 0.29
N VAL A 74 -9.73 1.02 0.38
CA VAL A 74 -9.16 1.99 -0.53
C VAL A 74 -8.45 3.09 0.23
N ILE A 75 -7.22 3.39 -0.19
CA ILE A 75 -6.46 4.47 0.40
C ILE A 75 -6.71 5.74 -0.41
N LEU A 76 -7.37 6.71 0.21
CA LEU A 76 -7.66 8.00 -0.43
C LEU A 76 -6.60 9.06 -0.10
N ASN A 77 -6.42 9.96 -1.06
CA ASN A 77 -5.77 11.21 -0.83
C ASN A 77 -6.70 12.16 -0.08
N GLN A 78 -6.12 13.02 0.75
CA GLN A 78 -6.91 13.98 1.51
C GLN A 78 -7.88 14.80 0.66
N GLU A 79 -7.48 15.21 -0.53
CA GLU A 79 -8.38 16.07 -1.32
C GLU A 79 -9.66 15.32 -1.74
N THR A 80 -9.55 14.00 -1.90
CA THR A 80 -10.67 13.18 -2.38
C THR A 80 -11.80 13.11 -1.36
N PHE A 81 -11.51 13.31 -0.08
CA PHE A 81 -12.58 13.32 0.90
C PHE A 81 -13.52 14.49 0.71
N GLU A 82 -13.08 15.52 0.00
CA GLU A 82 -13.93 16.71 -0.21
C GLU A 82 -14.63 16.68 -1.57
N GLN A 83 -14.53 15.57 -2.29
CA GLN A 83 -15.01 15.55 -3.67
C GLN A 83 -16.27 14.69 -3.86
N THR A 84 -17.02 14.99 -4.92
CA THR A 84 -18.26 14.29 -5.25
C THR A 84 -18.23 13.69 -6.66
N SER A 85 -19.13 12.75 -6.91
CA SER A 85 -19.30 12.17 -8.26
C SER A 85 -19.98 13.20 -9.15
N GLY A 86 -20.01 12.92 -10.45
CA GLY A 86 -20.73 13.78 -11.39
C GLY A 86 -22.21 13.82 -11.06
N SER A 87 -22.72 12.74 -10.47
CA SER A 87 -24.10 12.66 -10.04
C SER A 87 -24.40 13.35 -8.69
N GLY A 88 -23.38 13.88 -8.01
CA GLY A 88 -23.55 14.62 -6.73
C GLY A 88 -23.15 13.90 -5.42
N VAL A 89 -22.90 12.60 -5.50
CA VAL A 89 -22.68 11.77 -4.31
C VAL A 89 -21.21 11.88 -3.83
N PRO A 90 -20.99 12.18 -2.52
CA PRO A 90 -19.61 12.15 -2.01
C PRO A 90 -18.89 10.89 -2.44
N LEU A 91 -17.67 11.05 -2.95
CA LEU A 91 -16.90 9.91 -3.42
C LEU A 91 -16.74 8.86 -2.33
N THR A 92 -16.61 9.28 -1.08
CA THR A 92 -16.53 8.31 0.03
C THR A 92 -17.80 7.48 0.12
N GLU A 93 -18.95 8.05 -0.25
CA GLU A 93 -20.22 7.32 -0.18
C GLU A 93 -20.29 6.18 -1.18
N LEU A 94 -19.61 6.32 -2.33
CA LEU A 94 -19.53 5.25 -3.30
C LEU A 94 -18.93 4.01 -2.63
N LEU A 95 -17.89 4.24 -1.83
CA LEU A 95 -17.15 3.14 -1.23
C LEU A 95 -17.90 2.57 -0.02
N LYS A 96 -18.44 3.46 0.80
CA LYS A 96 -19.22 3.06 1.97
C LYS A 96 -20.41 2.17 1.58
N LYS A 97 -21.17 2.59 0.56
CA LYS A 97 -22.29 1.77 0.04
C LYS A 97 -21.85 0.37 -0.42
N LYS A 98 -20.61 0.25 -0.90
CA LYS A 98 -20.06 -1.02 -1.35
C LYS A 98 -19.48 -1.85 -0.20
N GLY A 99 -19.47 -1.30 1.02
CA GLY A 99 -18.86 -1.97 2.17
C GLY A 99 -17.34 -1.98 2.16
N ILE A 100 -16.71 -1.09 1.38
CA ILE A 100 -15.23 -1.04 1.31
C ILE A 100 -14.71 -0.06 2.39
N GLU A 101 -13.66 -0.47 3.13
CA GLU A 101 -13.06 0.38 4.16
C GLU A 101 -12.38 1.55 3.49
N ILE A 102 -12.49 2.70 4.12
CA ILE A 102 -11.91 3.96 3.63
C ILE A 102 -10.66 4.30 4.44
N GLY A 103 -9.55 4.53 3.74
CA GLY A 103 -8.31 4.90 4.39
C GLY A 103 -7.87 6.28 3.97
N ILE A 104 -7.00 6.88 4.79
CA ILE A 104 -6.43 8.18 4.55
C ILE A 104 -4.90 8.14 4.56
N LYS A 105 -4.28 8.65 3.51
CA LYS A 105 -2.82 8.81 3.54
C LYS A 105 -2.50 10.06 4.36
N LEU A 106 -1.68 9.90 5.40
CA LEU A 106 -1.44 10.96 6.38
C LEU A 106 -0.02 11.54 6.40
N ASP A 107 0.95 10.96 5.67
CA ASP A 107 2.25 11.59 5.59
C ASP A 107 2.16 12.85 4.75
N LYS A 108 3.12 13.75 4.94
CA LYS A 108 3.26 14.98 4.18
C LYS A 108 4.47 14.88 3.28
N GLY A 109 4.78 13.69 2.78
CA GLY A 109 5.88 13.55 1.84
C GLY A 109 7.23 13.44 2.58
N LEU A 110 8.32 13.72 1.87
CA LEU A 110 9.65 13.41 2.31
C LEU A 110 10.48 14.68 2.37
N ILE A 111 11.54 14.68 3.18
CA ILE A 111 12.51 15.74 3.11
C ILE A 111 13.89 15.09 3.15
N ASP A 112 14.90 15.84 2.75
CA ASP A 112 16.29 15.37 2.75
C ASP A 112 16.77 14.99 4.14
N TYR A 113 17.56 13.91 4.17
CA TYR A 113 18.17 13.39 5.38
C TYR A 113 19.59 12.93 5.05
N LYS A 114 20.57 13.47 5.79
CA LYS A 114 21.98 13.16 5.61
C LYS A 114 22.33 13.41 4.13
N GLU A 115 23.10 12.50 3.54
CA GLU A 115 23.53 12.61 2.16
C GLU A 115 22.77 11.58 1.29
N LYS A 116 21.88 12.07 0.48
CA LYS A 116 21.21 11.26 -0.52
C LYS A 116 20.07 10.41 0.06
N GLU A 117 19.65 10.64 1.30
CA GLU A 117 18.55 9.86 1.88
C GLU A 117 17.37 10.76 2.21
N LYS A 118 16.28 10.14 2.68
CA LYS A 118 15.04 10.83 2.95
C LYS A 118 14.48 10.35 4.27
N ILE A 119 13.78 11.25 4.95
CA ILE A 119 12.82 10.91 5.99
C ILE A 119 11.43 11.40 5.59
N SER A 120 10.41 10.77 6.12
CA SER A 120 9.04 11.22 5.92
C SER A 120 8.65 12.18 7.04
N VAL A 121 7.72 13.10 6.74
CA VAL A 121 7.34 14.19 7.64
C VAL A 121 5.83 14.32 7.85
N GLY A 122 5.44 15.01 8.92
CA GLY A 122 4.02 15.31 9.22
C GLY A 122 3.56 14.94 10.62
N LEU A 123 4.48 14.56 11.51
CA LEU A 123 4.05 14.04 12.84
C LEU A 123 3.48 15.10 13.77
N GLU A 124 3.92 16.34 13.57
CA GLU A 124 3.67 17.39 14.54
C GLU A 124 2.21 17.76 14.68
N ASP A 125 1.46 17.69 13.59
CA ASP A 125 -0.01 17.89 13.67
C ASP A 125 -0.79 16.60 13.32
N LEU A 126 -0.15 15.44 13.41
CA LEU A 126 -0.79 14.22 13.00
C LEU A 126 -2.04 13.91 13.85
N ASP A 127 -1.93 14.11 15.15
CA ASP A 127 -3.06 13.81 16.04
C ASP A 127 -4.26 14.72 15.74
N LEU A 128 -4.01 16.01 15.57
CA LEU A 128 -5.04 16.96 15.15
C LEU A 128 -5.67 16.53 13.80
N ARG A 129 -4.85 16.13 12.83
CA ARG A 129 -5.38 15.69 11.53
C ARG A 129 -6.23 14.41 11.63
N CYS A 130 -5.82 13.46 12.45
CA CYS A 130 -6.59 12.23 12.64
C CYS A 130 -7.99 12.55 13.14
N LYS A 131 -8.11 13.61 13.92
CA LYS A 131 -9.39 14.04 14.46
C LYS A 131 -10.24 14.91 13.50
N SER A 132 -9.76 15.22 12.28
CA SER A 132 -10.48 16.08 11.32
CA SER A 132 -10.51 16.12 11.40
C SER A 132 -11.86 15.51 10.99
N SER A 133 -12.88 16.35 10.92
CA SER A 133 -14.20 15.85 10.50
C SER A 133 -14.17 15.30 9.05
N ALA A 134 -13.32 15.88 8.20
CA ALA A 134 -13.07 15.37 6.84
C ALA A 134 -12.85 13.86 6.79
N PHE A 135 -12.10 13.32 7.75
CA PHE A 135 -11.75 11.90 7.74
C PHE A 135 -12.59 11.03 8.67
N LYS A 136 -13.75 11.53 9.10
CA LYS A 136 -14.56 10.80 10.08
C LYS A 136 -14.99 9.40 9.62
N ASP A 137 -15.12 9.21 8.31
CA ASP A 137 -15.50 7.89 7.79
C ASP A 137 -14.30 6.93 7.61
N ALA A 138 -13.11 7.43 7.78
CA ALA A 138 -11.90 6.61 7.60
C ALA A 138 -11.73 5.67 8.77
N THR A 139 -11.29 4.45 8.48
CA THR A 139 -10.97 3.47 9.51
C THR A 139 -9.52 3.00 9.51
N PHE A 140 -8.76 3.43 8.51
CA PHE A 140 -7.34 3.10 8.47
C PHE A 140 -6.57 4.22 7.81
N ALA A 141 -5.25 4.15 7.88
CA ALA A 141 -4.41 5.21 7.36
C ALA A 141 -3.17 4.61 6.73
N LYS A 142 -2.43 5.45 6.01
CA LYS A 142 -1.18 5.05 5.40
C LYS A 142 -0.13 6.12 5.58
N TRP A 143 1.12 5.69 5.80
CA TRP A 143 2.26 6.58 5.89
C TRP A 143 3.44 5.90 5.22
N ARG A 144 4.05 6.62 4.28
CA ARG A 144 5.17 6.13 3.51
C ARG A 144 6.52 6.76 3.87
N SER A 145 7.50 5.91 4.12
CA SER A 145 8.93 6.24 4.02
C SER A 145 9.54 5.58 2.81
N LEU A 146 10.65 6.14 2.32
CA LEU A 146 11.34 5.64 1.16
C LEU A 146 12.86 5.51 1.45
N PHE A 147 13.41 4.35 1.12
CA PHE A 147 14.79 4.03 1.33
C PHE A 147 15.50 3.95 0.01
N TYR A 148 16.30 4.98 -0.28
CA TYR A 148 17.19 4.97 -1.42
C TYR A 148 18.36 4.05 -1.15
N PHE A 149 18.87 3.42 -2.22
CA PHE A 149 20.02 2.52 -2.15
C PHE A 149 21.17 3.07 -2.99
N TYR A 150 22.36 3.14 -2.39
CA TYR A 150 23.62 3.50 -3.06
C TYR A 150 24.68 2.81 -2.20
N ASP A 151 25.96 3.12 -2.43
CA ASP A 151 27.05 2.33 -1.84
C ASP A 151 26.88 1.97 -0.38
N GLY A 152 26.94 2.93 0.52
CA GLY A 152 26.79 2.52 1.93
C GLY A 152 25.42 2.92 2.45
N ILE A 153 24.39 2.80 1.61
CA ILE A 153 23.07 3.34 1.92
C ILE A 153 22.03 2.26 1.51
N PRO A 154 20.96 2.06 2.33
CA PRO A 154 20.52 2.86 3.48
C PRO A 154 21.50 2.87 4.65
N SER A 155 21.71 4.05 5.25
CA SER A 155 22.55 4.13 6.44
C SER A 155 21.70 3.67 7.63
N GLU A 156 22.40 3.20 8.68
CA GLU A 156 21.76 2.81 9.91
C GLU A 156 20.95 3.98 10.53
N ASP A 157 21.49 5.19 10.46
CA ASP A 157 20.79 6.39 10.99
C ASP A 157 19.44 6.54 10.29
N CYS A 158 19.47 6.40 8.97
CA CYS A 158 18.25 6.55 8.16
C CYS A 158 17.21 5.44 8.43
N ILE A 159 17.68 4.20 8.56
CA ILE A 159 16.79 3.12 8.95
C ILE A 159 16.14 3.41 10.29
N ASN A 160 16.96 3.77 11.27
CA ASN A 160 16.43 4.06 12.61
C ASN A 160 15.42 5.21 12.64
N GLU A 161 15.75 6.29 11.94
CA GLU A 161 14.91 7.47 12.00
C GLU A 161 13.57 7.23 11.30
N ASN A 162 13.61 6.63 10.13
CA ASN A 162 12.37 6.28 9.45
C ASN A 162 11.48 5.29 10.21
N CYS A 163 12.10 4.28 10.85
CA CYS A 163 11.35 3.32 11.63
C CYS A 163 10.76 3.98 12.86
N SER A 164 11.49 4.92 13.47
CA SER A 164 10.98 5.66 14.60
C SER A 164 9.75 6.50 14.18
N ILE A 165 9.87 7.19 13.06
CA ILE A 165 8.76 8.01 12.52
C ILE A 165 7.52 7.13 12.20
N LEU A 166 7.75 6.00 11.52
CA LEU A 166 6.64 5.08 11.23
C LEU A 166 5.93 4.58 12.50
N ALA A 167 6.71 4.25 13.52
CA ALA A 167 6.16 3.77 14.76
C ALA A 167 5.41 4.84 15.54
N LYS A 168 5.91 6.08 15.49
CA LYS A 168 5.25 7.20 16.17
C LYS A 168 3.92 7.52 15.48
N TYR A 169 3.91 7.48 14.17
CA TYR A 169 2.65 7.61 13.39
C TYR A 169 1.67 6.49 13.74
N ALA A 170 2.19 5.27 13.86
CA ALA A 170 1.35 4.11 14.11
C ALA A 170 0.61 4.24 15.43
N ILE A 171 1.32 4.65 16.48
CA ILE A 171 0.70 4.75 17.78
C ILE A 171 -0.34 5.86 17.82
N ILE A 172 -0.07 7.00 17.17
CA ILE A 172 -1.05 8.08 17.10
C ILE A 172 -2.34 7.67 16.35
N CYS A 173 -2.16 6.98 15.23
CA CYS A 173 -3.31 6.41 14.52
C CYS A 173 -4.14 5.55 15.45
N GLN A 174 -3.48 4.59 16.11
CA GLN A 174 -4.22 3.66 16.94
C GLN A 174 -4.97 4.34 18.07
N LYS A 175 -4.34 5.33 18.70
CA LYS A 175 -4.97 6.08 19.76
C LYS A 175 -6.18 6.83 19.21
N ASN A 176 -6.20 7.14 17.92
CA ASN A 176 -7.40 7.75 17.29
C ASN A 176 -8.38 6.76 16.62
N GLY A 177 -8.22 5.47 16.87
CA GLY A 177 -9.11 4.47 16.34
C GLY A 177 -8.88 4.11 14.89
N LEU A 178 -7.69 4.38 14.36
CA LEU A 178 -7.37 4.06 12.99
C LEU A 178 -6.30 2.99 12.93
N VAL A 179 -6.47 2.02 12.04
CA VAL A 179 -5.46 1.03 11.77
C VAL A 179 -4.39 1.65 10.91
N PRO A 180 -3.13 1.70 11.38
CA PRO A 180 -2.06 2.21 10.53
C PRO A 180 -1.48 1.20 9.57
N ILE A 181 -1.38 1.58 8.31
CA ILE A 181 -0.46 0.91 7.39
C ILE A 181 0.85 1.69 7.44
N VAL A 182 1.93 0.98 7.78
CA VAL A 182 3.29 1.49 7.74
C VAL A 182 3.98 0.96 6.46
N GLU A 183 4.55 1.88 5.69
CA GLU A 183 5.09 1.57 4.40
C GLU A 183 6.58 1.90 4.31
N PRO A 184 7.43 0.93 4.64
CA PRO A 184 8.86 1.13 4.49
C PRO A 184 9.36 0.74 3.08
N GLU A 185 9.09 1.59 2.10
CA GLU A 185 9.37 1.19 0.73
C GLU A 185 10.88 1.21 0.43
N VAL A 186 11.34 0.13 -0.19
CA VAL A 186 12.72 0.00 -0.65
C VAL A 186 12.71 0.42 -2.08
N PHE A 187 13.34 1.55 -2.39
CA PHE A 187 13.20 2.12 -3.71
C PHE A 187 13.81 1.26 -4.84
N LEU A 188 13.00 0.98 -5.87
CA LEU A 188 13.39 0.05 -6.98
C LEU A 188 14.43 0.63 -7.87
N GLU A 189 14.36 1.96 -8.02
CA GLU A 189 15.30 2.70 -8.87
CA GLU A 189 15.27 2.69 -8.87
C GLU A 189 16.58 2.75 -8.10
N GLY A 190 17.54 1.95 -8.53
CA GLY A 190 18.82 1.90 -7.86
C GLY A 190 19.63 0.78 -8.43
N ASP A 191 20.88 0.75 -8.04
CA ASP A 191 21.80 -0.27 -8.50
C ASP A 191 22.19 -1.09 -7.29
N TYR A 192 21.52 -2.21 -7.09
CA TYR A 192 21.86 -3.11 -6.00
C TYR A 192 21.46 -4.52 -6.41
N SER A 193 22.16 -5.49 -5.87
CA SER A 193 21.89 -6.92 -6.15
C SER A 193 20.66 -7.36 -5.35
N MET A 194 20.09 -8.49 -5.71
CA MET A 194 18.97 -9.07 -4.94
C MET A 194 19.42 -9.50 -3.55
N LYS A 195 20.66 -9.99 -3.46
CA LYS A 195 21.19 -10.38 -2.15
C LYS A 195 21.26 -9.15 -1.22
N ARG A 196 21.67 -8.01 -1.75
CA ARG A 196 21.70 -6.79 -0.98
C ARG A 196 20.30 -6.36 -0.56
N SER A 197 19.32 -6.42 -1.47
CA SER A 197 17.96 -6.09 -1.10
C SER A 197 17.47 -7.00 0.01
N TYR A 198 17.78 -8.28 -0.12
CA TYR A 198 17.37 -9.24 0.88
C TYR A 198 17.92 -8.89 2.27
N GLU A 199 19.22 -8.60 2.32
CA GLU A 199 19.86 -8.35 3.59
C GLU A 199 19.36 -7.02 4.21
N VAL A 200 19.26 -5.99 3.39
CA VAL A 200 18.72 -4.71 3.86
C VAL A 200 17.25 -4.76 4.25
N THR A 201 16.42 -5.53 3.53
CA THR A 201 15.04 -5.76 3.92
C THR A 201 14.95 -6.37 5.30
N ARG A 202 15.81 -7.34 5.60
CA ARG A 202 15.86 -7.93 6.92
C ARG A 202 16.24 -6.91 7.99
N GLN A 203 17.19 -6.02 7.68
CA GLN A 203 17.54 -4.92 8.59
C GLN A 203 16.37 -3.99 8.85
N ILE A 204 15.70 -3.57 7.78
CA ILE A 204 14.65 -2.55 7.86
C ILE A 204 13.45 -3.13 8.60
N LEU A 205 12.99 -4.30 8.20
CA LEU A 205 11.77 -4.85 8.79
C LEU A 205 12.00 -5.22 10.25
N SER A 206 13.14 -5.81 10.58
CA SER A 206 13.44 -6.13 12.00
C SER A 206 13.55 -4.86 12.86
N THR A 207 14.11 -3.79 12.29
CA THR A 207 14.21 -2.51 12.99
C THR A 207 12.84 -1.86 13.11
N LEU A 208 12.01 -1.98 12.09
CA LEU A 208 10.66 -1.43 12.18
C LEU A 208 9.88 -2.09 13.32
N MET A 209 10.00 -3.42 13.39
CA MET A 209 9.39 -4.15 14.50
C MET A 209 9.93 -3.74 15.87
N LYS A 210 11.23 -3.44 15.97
CA LYS A 210 11.79 -2.88 17.21
C LYS A 210 11.05 -1.60 17.59
N TYR A 211 11.00 -0.63 16.68
CA TYR A 211 10.39 0.66 17.01
C TYR A 211 8.88 0.54 17.32
N LEU A 212 8.18 -0.31 16.58
CA LEU A 212 6.75 -0.56 16.89
C LEU A 212 6.56 -1.08 18.30
N ASN A 213 7.46 -1.95 18.71
CA ASN A 213 7.46 -2.47 20.07
C ASN A 213 7.86 -1.47 21.15
N TYR A 214 8.84 -0.62 20.85
CA TYR A 214 9.22 0.41 21.80
C TYR A 214 8.11 1.45 21.99
N GLU A 215 7.33 1.72 20.94
CA GLU A 215 6.19 2.62 21.04
C GLU A 215 4.94 1.92 21.56
N LEU A 216 5.05 0.63 21.89
CA LEU A 216 3.97 -0.17 22.45
C LEU A 216 2.71 -0.13 21.56
N VAL A 217 2.95 -0.20 20.26
CA VAL A 217 1.89 -0.37 19.27
C VAL A 217 1.20 -1.73 19.47
N TYR A 218 -0.10 -1.76 19.23
CA TYR A 218 -0.90 -2.99 19.27
C TYR A 218 -0.63 -3.69 17.96
N ILE A 219 0.22 -4.71 18.02
CA ILE A 219 0.70 -5.36 16.82
C ILE A 219 -0.40 -5.99 15.96
N PRO A 220 -1.43 -6.60 16.57
CA PRO A 220 -2.53 -7.12 15.75
C PRO A 220 -3.33 -6.05 15.00
N GLY A 221 -3.10 -4.78 15.27
CA GLY A 221 -3.78 -3.69 14.58
C GLY A 221 -2.89 -2.87 13.67
N VAL A 222 -1.88 -3.48 13.10
CA VAL A 222 -0.94 -2.80 12.21
C VAL A 222 -0.80 -3.59 10.92
N LEU A 223 -0.80 -2.92 9.78
CA LEU A 223 -0.56 -3.58 8.50
C LEU A 223 0.77 -3.07 7.97
N ILE A 224 1.55 -3.96 7.35
CA ILE A 224 2.82 -3.58 6.79
C ILE A 224 2.73 -3.63 5.28
N LYS A 225 3.00 -2.49 4.63
CA LYS A 225 3.04 -2.36 3.18
C LYS A 225 4.50 -2.39 2.75
N ALA A 226 4.90 -3.51 2.17
CA ALA A 226 6.29 -3.83 1.91
C ALA A 226 6.60 -3.95 0.43
N SER A 227 7.89 -3.72 0.13
CA SER A 227 8.45 -3.97 -1.19
C SER A 227 8.79 -5.41 -1.35
N TYR A 228 8.59 -5.95 -2.56
CA TYR A 228 9.13 -7.25 -2.86
C TYR A 228 10.67 -7.20 -2.82
N VAL A 229 11.32 -8.31 -2.50
CA VAL A 229 12.75 -8.38 -2.51
C VAL A 229 13.17 -8.70 -3.93
N THR A 230 13.83 -7.74 -4.58
CA THR A 230 14.36 -7.91 -5.94
C THR A 230 15.65 -7.14 -6.09
N SER A 231 16.38 -7.37 -7.17
CA SER A 231 17.46 -6.48 -7.50
C SER A 231 16.93 -5.14 -8.02
N GLY A 232 17.82 -4.16 -8.04
CA GLY A 232 17.47 -2.79 -8.39
C GLY A 232 17.33 -2.70 -9.89
N GLN A 233 16.55 -1.73 -10.34
CA GLN A 233 16.25 -1.57 -11.76
C GLN A 233 17.49 -1.27 -12.61
N LEU A 234 18.52 -0.67 -12.01
CA LEU A 234 19.76 -0.40 -12.74
C LEU A 234 20.75 -1.56 -12.66
N SER A 235 20.43 -2.62 -11.92
CA SER A 235 21.30 -3.80 -11.82
CA SER A 235 21.32 -3.78 -11.84
C SER A 235 21.13 -4.60 -13.11
N ASN A 236 22.17 -5.32 -13.52
CA ASN A 236 22.01 -6.21 -14.69
C ASN A 236 21.47 -7.56 -14.27
N GLU A 237 21.14 -7.70 -12.98
CA GLU A 237 20.77 -8.99 -12.45
C GLU A 237 19.31 -9.33 -12.75
N LYS A 238 19.08 -10.55 -13.24
CA LYS A 238 17.75 -11.04 -13.52
C LYS A 238 17.21 -11.84 -12.33
N TYR A 239 15.88 -11.95 -12.25
CA TYR A 239 15.22 -12.82 -11.26
C TYR A 239 13.89 -13.29 -11.85
N THR A 240 13.31 -14.33 -11.27
CA THR A 240 12.00 -14.84 -11.65
C THR A 240 11.01 -14.74 -10.47
N PRO A 241 9.69 -14.90 -10.72
CA PRO A 241 8.71 -14.88 -9.64
C PRO A 241 9.03 -15.83 -8.49
N LYS A 242 9.49 -17.04 -8.80
CA LYS A 242 9.85 -18.02 -7.77
C LYS A 242 10.97 -17.51 -6.83
N LYS A 243 12.00 -16.89 -7.42
CA LYS A 243 13.11 -16.35 -6.64
C LYS A 243 12.66 -15.17 -5.78
N VAL A 244 11.86 -14.26 -6.36
CA VAL A 244 11.28 -13.17 -5.56
C VAL A 244 10.44 -13.70 -4.39
N ALA A 245 9.66 -14.73 -4.67
CA ALA A 245 8.79 -15.38 -3.66
C ALA A 245 9.65 -15.97 -2.53
N THR A 246 10.64 -16.78 -2.89
CA THR A 246 11.55 -17.39 -1.93
C THR A 246 12.25 -16.35 -1.03
N PHE A 247 12.89 -15.37 -1.64
CA PHE A 247 13.65 -14.39 -0.88
C PHE A 247 12.72 -13.49 -0.07
N THR A 248 11.57 -13.13 -0.61
CA THR A 248 10.69 -12.18 0.08
C THR A 248 10.09 -12.91 1.28
N LEU A 249 9.58 -14.13 1.06
CA LEU A 249 8.98 -14.90 2.15
C LEU A 249 10.03 -15.22 3.24
N ARG A 250 11.25 -15.55 2.85
CA ARG A 250 12.31 -15.77 3.88
C ARG A 250 12.56 -14.54 4.72
N ALA A 251 12.62 -13.39 4.08
CA ALA A 251 12.83 -12.15 4.80
C ALA A 251 11.69 -11.92 5.78
N LEU A 252 10.45 -12.20 5.35
CA LEU A 252 9.26 -11.95 6.19
C LEU A 252 9.15 -12.93 7.36
N LEU A 253 9.42 -14.20 7.08
CA LEU A 253 9.44 -15.22 8.10
C LEU A 253 10.52 -14.92 9.12
N SER A 254 11.64 -14.32 8.68
CA SER A 254 12.73 -13.96 9.61
C SER A 254 12.46 -12.76 10.51
N THR A 255 11.53 -11.87 10.11
CA THR A 255 11.34 -10.57 10.74
C THR A 255 9.97 -10.22 11.30
N ILE A 256 8.90 -10.78 10.77
CA ILE A 256 7.54 -10.33 11.13
C ILE A 256 6.86 -11.25 12.13
N PRO A 257 6.57 -10.72 13.33
CA PRO A 257 5.93 -11.47 14.43
C PRO A 257 4.59 -12.09 14.05
N CYS A 258 4.26 -13.23 14.67
CA CYS A 258 2.98 -13.87 14.47
C CYS A 258 1.78 -12.91 14.63
N GLY A 259 1.87 -11.93 15.51
CA GLY A 259 0.75 -11.03 15.79
C GLY A 259 0.37 -10.10 14.66
N ILE A 260 1.29 -9.79 13.74
CA ILE A 260 0.92 -8.96 12.61
C ILE A 260 -0.17 -9.67 11.76
N PRO A 261 -1.25 -8.96 11.39
CA PRO A 261 -2.33 -9.63 10.69
C PRO A 261 -2.09 -9.78 9.19
N GLY A 262 -1.30 -8.91 8.62
CA GLY A 262 -1.12 -8.98 7.20
C GLY A 262 0.00 -8.13 6.67
N ILE A 263 0.59 -8.62 5.59
CA ILE A 263 1.53 -7.90 4.78
CA ILE A 263 1.54 -7.90 4.76
C ILE A 263 0.85 -7.62 3.44
N VAL A 264 0.90 -6.37 2.98
CA VAL A 264 0.29 -5.96 1.72
C VAL A 264 1.40 -5.35 0.86
N PHE A 265 1.70 -5.99 -0.26
CA PHE A 265 2.77 -5.57 -1.11
C PHE A 265 2.41 -4.36 -1.97
N LEU A 266 3.40 -3.50 -2.12
CA LEU A 266 3.31 -2.37 -3.00
C LEU A 266 3.85 -2.76 -4.38
N SER A 267 3.34 -2.15 -5.43
CA SER A 267 3.80 -2.50 -6.79
C SER A 267 5.11 -1.80 -7.19
N GLY A 268 5.36 -0.57 -6.73
CA GLY A 268 6.73 -0.03 -6.64
C GLY A 268 7.56 0.28 -7.89
N GLY A 269 6.88 0.35 -9.04
CA GLY A 269 7.53 0.46 -10.34
C GLY A 269 7.62 -0.88 -11.05
N HIS A 270 7.27 -1.99 -10.39
CA HIS A 270 7.27 -3.26 -11.08
C HIS A 270 6.06 -3.26 -12.03
N GLY A 271 6.06 -4.04 -13.08
CA GLY A 271 4.78 -4.02 -13.88
C GLY A 271 3.54 -4.56 -13.11
N SER A 272 2.32 -4.24 -13.57
CA SER A 272 1.14 -4.91 -13.06
C SER A 272 1.30 -6.43 -13.12
N GLU A 273 1.69 -6.95 -14.29
CA GLU A 273 1.88 -8.38 -14.51
CA GLU A 273 1.85 -8.40 -14.48
C GLU A 273 2.87 -8.99 -13.50
N ASP A 274 4.01 -8.33 -13.35
CA ASP A 274 5.02 -8.84 -12.41
C ASP A 274 4.54 -8.75 -10.98
N ALA A 275 3.94 -7.62 -10.59
CA ALA A 275 3.50 -7.45 -9.23
C ALA A 275 2.48 -8.52 -8.83
N ILE A 276 1.58 -8.87 -9.75
CA ILE A 276 0.53 -9.86 -9.44
C ILE A 276 1.17 -11.25 -9.44
N GLY A 277 2.10 -11.47 -10.35
CA GLY A 277 2.78 -12.76 -10.47
C GLY A 277 3.66 -13.06 -9.26
N PHE A 278 4.33 -12.04 -8.74
CA PHE A 278 5.12 -12.22 -7.52
C PHE A 278 4.19 -12.55 -6.33
N LEU A 279 3.02 -11.89 -6.28
CA LEU A 279 2.05 -12.15 -5.22
C LEU A 279 1.57 -13.59 -5.28
N ASN A 280 1.20 -14.04 -6.47
CA ASN A 280 0.75 -15.41 -6.63
C ASN A 280 1.85 -16.36 -6.17
N ALA A 281 3.07 -16.09 -6.62
CA ALA A 281 4.18 -16.98 -6.32
C ALA A 281 4.44 -17.04 -4.81
N ILE A 282 4.33 -15.91 -4.09
CA ILE A 282 4.63 -15.94 -2.67
C ILE A 282 3.53 -16.72 -1.91
N ASN A 283 2.31 -16.66 -2.43
CA ASN A 283 1.21 -17.39 -1.83
C ASN A 283 1.18 -18.88 -2.19
N MET A 284 2.00 -19.33 -3.14
CA MET A 284 2.16 -20.77 -3.36
C MET A 284 3.30 -21.37 -2.53
N GLU A 285 4.15 -20.53 -1.97
CA GLU A 285 5.28 -20.98 -1.15
C GLU A 285 4.77 -21.65 0.11
N ARG A 286 5.44 -22.74 0.47
CA ARG A 286 5.20 -23.39 1.74
C ARG A 286 6.04 -22.66 2.81
N GLY A 287 5.64 -22.78 4.05
CA GLY A 287 6.34 -22.12 5.16
C GLY A 287 5.30 -21.50 6.06
N CYS A 288 5.10 -22.10 7.23
CA CYS A 288 4.00 -21.74 8.12
C CYS A 288 4.06 -20.29 8.53
N ARG A 289 2.90 -19.65 8.48
CA ARG A 289 2.79 -18.24 8.84
CA ARG A 289 2.78 -18.23 8.78
C ARG A 289 1.36 -17.93 9.22
N THR A 290 1.22 -16.91 10.04
CA THR A 290 -0.08 -16.51 10.57
C THR A 290 -0.65 -15.36 9.74
N TRP A 291 0.22 -14.52 9.18
CA TRP A 291 -0.25 -13.34 8.46
C TRP A 291 -0.67 -13.63 7.00
N SER A 292 -1.67 -12.88 6.54
CA SER A 292 -2.04 -12.82 5.14
C SER A 292 -0.93 -12.16 4.34
N LEU A 293 -0.83 -12.60 3.09
CA LEU A 293 0.04 -11.99 2.10
C LEU A 293 -0.84 -11.50 0.97
N SER A 294 -1.09 -10.19 0.95
CA SER A 294 -1.99 -9.62 0.01
C SER A 294 -1.36 -8.41 -0.64
N PHE A 295 -2.18 -7.47 -1.15
CA PHE A 295 -1.70 -6.38 -1.99
C PHE A 295 -2.22 -5.02 -1.54
N SER A 296 -1.41 -3.98 -1.77
CA SER A 296 -1.85 -2.59 -1.66
C SER A 296 -1.25 -1.89 -2.87
N PHE A 297 -1.91 -2.01 -4.00
CA PHE A 297 -1.35 -1.59 -5.26
C PHE A 297 -1.99 -0.26 -5.68
N ALA A 298 -1.15 0.66 -6.14
CA ALA A 298 -1.61 1.83 -6.88
C ALA A 298 -1.38 1.52 -8.36
N ARG A 299 -0.17 1.69 -8.84
CA ARG A 299 0.09 1.51 -10.30
C ARG A 299 -0.35 0.16 -10.88
N ALA A 300 -0.08 -0.93 -10.16
CA ALA A 300 -0.39 -2.27 -10.65
C ALA A 300 -1.89 -2.42 -10.93
N LEU A 301 -2.73 -1.70 -10.19
CA LEU A 301 -4.18 -1.77 -10.40
C LEU A 301 -4.71 -0.66 -11.30
N THR A 302 -4.08 0.52 -11.35
CA THR A 302 -4.68 1.67 -12.04
C THR A 302 -3.94 2.21 -13.26
N ASP A 303 -2.71 1.74 -13.53
CA ASP A 303 -2.06 2.13 -14.80
C ASP A 303 -2.87 1.78 -16.03
N GLY A 304 -3.45 0.59 -16.04
CA GLY A 304 -4.28 0.13 -17.16
C GLY A 304 -5.53 0.98 -17.30
N VAL A 305 -6.11 1.38 -16.17
CA VAL A 305 -7.30 2.24 -16.18
C VAL A 305 -6.97 3.58 -16.85
N LEU A 306 -5.88 4.21 -16.42
CA LEU A 306 -5.43 5.46 -17.03
C LEU A 306 -5.09 5.30 -18.51
N GLU A 307 -4.37 4.24 -18.85
CA GLU A 307 -3.97 4.00 -20.23
C GLU A 307 -5.19 3.76 -21.14
N THR A 308 -6.25 3.14 -20.60
CA THR A 308 -7.49 2.90 -21.37
C THR A 308 -8.34 4.16 -21.44
N TRP A 309 -8.55 4.79 -20.29
CA TRP A 309 -9.39 5.98 -20.19
C TRP A 309 -8.88 7.13 -21.06
N ARG A 310 -7.64 7.53 -20.83
CA ARG A 310 -7.03 8.65 -21.59
C ARG A 310 -7.77 9.98 -21.49
N GLY A 311 -8.57 10.19 -20.44
CA GLY A 311 -9.33 11.45 -20.30
C GLY A 311 -10.56 11.62 -21.17
N ASP A 312 -11.01 10.52 -21.80
CA ASP A 312 -12.20 10.55 -22.65
C ASP A 312 -13.34 9.72 -22.03
N ASP A 313 -14.47 10.36 -21.71
CA ASP A 313 -15.64 9.69 -21.13
C ASP A 313 -16.02 8.37 -21.88
N SER A 314 -15.84 8.32 -23.21
CA SER A 314 -16.24 7.13 -23.99
C SER A 314 -15.34 5.90 -23.77
N ASN A 315 -14.25 6.10 -23.05
CA ASN A 315 -13.37 5.00 -22.66
C ASN A 315 -13.58 4.51 -21.23
N ILE A 316 -14.52 5.09 -20.50
CA ILE A 316 -14.68 4.82 -19.07
C ILE A 316 -15.14 3.40 -18.79
N GLU A 317 -16.10 2.90 -19.57
CA GLU A 317 -16.59 1.56 -19.34
C GLU A 317 -15.45 0.54 -19.49
N GLU A 318 -14.67 0.71 -20.55
CA GLU A 318 -13.56 -0.21 -20.81
C GLU A 318 -12.49 -0.05 -19.71
N ALA A 319 -12.27 1.17 -19.25
CA ALA A 319 -11.33 1.41 -18.15
C ALA A 319 -11.80 0.70 -16.88
N GLN A 320 -13.09 0.76 -16.58
CA GLN A 320 -13.61 0.06 -15.40
C GLN A 320 -13.50 -1.45 -15.54
N LYS A 321 -13.73 -1.97 -16.72
CA LYS A 321 -13.56 -3.40 -16.97
C LYS A 321 -12.12 -3.85 -16.68
N ILE A 322 -11.14 -3.04 -17.08
CA ILE A 322 -9.72 -3.38 -16.84
C ILE A 322 -9.44 -3.37 -15.33
N LEU A 323 -10.00 -2.42 -14.59
CA LEU A 323 -9.81 -2.39 -13.14
C LEU A 323 -10.34 -3.66 -12.51
N LEU A 324 -11.55 -4.05 -12.89
CA LEU A 324 -12.22 -5.19 -12.30
C LEU A 324 -11.46 -6.48 -12.61
N GLU A 325 -11.03 -6.63 -13.85
CA GLU A 325 -10.26 -7.81 -14.27
C GLU A 325 -8.89 -7.86 -13.58
N THR A 326 -8.21 -6.72 -13.49
CA THR A 326 -6.91 -6.67 -12.81
C THR A 326 -7.07 -6.90 -11.32
N SER A 327 -8.14 -6.39 -10.74
CA SER A 327 -8.43 -6.63 -9.33
C SER A 327 -8.74 -8.12 -9.07
N PHE A 328 -9.47 -8.75 -9.98
CA PHE A 328 -9.74 -10.20 -9.90
C PHE A 328 -8.42 -10.96 -9.83
N LYS A 329 -7.51 -10.64 -10.72
CA LYS A 329 -6.24 -11.37 -10.81
C LYS A 329 -5.42 -11.16 -9.52
N ALA A 330 -5.39 -9.93 -9.03
CA ALA A 330 -4.67 -9.64 -7.76
C ALA A 330 -5.21 -10.51 -6.62
N CYS A 331 -6.53 -10.58 -6.52
CA CYS A 331 -7.20 -11.35 -5.48
CA CYS A 331 -7.19 -11.38 -5.48
C CYS A 331 -6.92 -12.87 -5.63
N ARG A 332 -6.97 -13.37 -6.86
CA ARG A 332 -6.61 -14.76 -7.08
C ARG A 332 -5.16 -15.00 -6.65
N GLY A 333 -4.26 -14.09 -7.00
CA GLY A 333 -2.84 -14.12 -6.56
C GLY A 333 -2.68 -14.11 -5.06
N ALA A 334 -3.49 -13.31 -4.37
CA ALA A 334 -3.49 -13.26 -2.91
C ALA A 334 -3.82 -14.60 -2.24
N GLU A 335 -4.45 -15.51 -2.99
CA GLU A 335 -4.74 -16.88 -2.51
C GLU A 335 -3.88 -17.92 -3.17
N GLY A 336 -2.96 -17.49 -4.03
CA GLY A 336 -2.12 -18.44 -4.72
C GLY A 336 -2.84 -19.26 -5.79
N LYS A 337 -3.91 -18.71 -6.34
CA LYS A 337 -4.76 -19.45 -7.27
C LYS A 337 -4.81 -18.95 -8.71
N LEU A 338 -3.86 -18.10 -9.09
CA LEU A 338 -3.96 -17.42 -10.38
C LEU A 338 -3.93 -18.40 -11.56
N TRP A 339 -3.28 -19.55 -11.40
CA TRP A 339 -3.22 -20.56 -12.47
C TRP A 339 -4.50 -21.38 -12.56
N ASP A 340 -5.37 -21.26 -11.54
CA ASP A 340 -6.52 -22.14 -11.38
C ASP A 340 -7.83 -21.52 -11.85
N GLN A 341 -8.67 -22.41 -12.39
CA GLN A 341 -10.05 -22.22 -12.84
CA GLN A 341 -10.09 -22.11 -12.74
C GLN A 341 -10.26 -21.26 -14.00
P PO4 B . 2.35 1.54 -5.53
O1 PO4 B . 3.85 1.46 -5.34
O2 PO4 B . 1.65 0.17 -5.50
O3 PO4 B . 2.16 2.25 -6.89
O4 PO4 B . 1.71 2.31 -4.35
CL CL C . 1.78 10.41 -3.45
#